data_4LDE
#
_entry.id   4LDE
#
_cell.length_a   49.670
_cell.length_b   66.480
_cell.length_c   303.100
_cell.angle_alpha   90.00
_cell.angle_beta   90.00
_cell.angle_gamma   90.00
#
_symmetry.space_group_name_H-M   'P 21 21 21'
#
loop_
_entity.id
_entity.type
_entity.pdbx_description
1 polymer 'Lysozyme, Beta-2 adrenergic receptor'
2 polymer 'Camelid Antibody Fragment'
3 non-polymer 8-[(1R)-2-{[1,1-dimethyl-2-(2-methylphenyl)ethyl]amino}-1-hydroxyethyl]-5-hydroxy-2H-1,4-benzoxazin-3(4H)-one
4 non-polymer 'SODIUM ION'
5 non-polymer '(2S)-2,3-dihydroxypropyl (7Z)-tetradec-7-enoate'
6 water water
#
loop_
_entity_poly.entity_id
_entity_poly.type
_entity_poly.pdbx_seq_one_letter_code
_entity_poly.pdbx_strand_id
1 'polypeptide(L)'
;DYKDDDDAENLYFQGNIFEMLRIDEGLRLKIYKDTEGYYTIGIGHLLTKSPSLNAAKSELDKAIGRNTNGVITKDEAEKL
FNQDVDAAVRGILRNAKLKPVYDSLDAVRRAALINMVFQMGETGVAGFTNSLRMLQQKRWDEAAVNLAKSRWYNQTPNRA
KRVITTFRTGTWDAYAADEVWVVGMGIVMSLIVLAIVFGNVLVITAIAKFERLQTVTNYFITSLACADLVMGLAVVPFGA
AHILTKTWTFGNFWCEFWTSIDVLCVTASIETLCVIAVDRYFAITSPFKYQSLLTKNKARVIILMVWIVSGLTSFLPIQM
HWYRATHQEAINCYAEETCCDFFTNQAYAIASSIVSFYVPLVIMVFVYSRVFQEAKRQLQKIDKFALKEHKALKTLGIIM
GTFTLCWLPFFIVNIVHVIQDNLIRKEVYILLNWIGYVNSGFNPLIYCRSPDFRIAFQELLCLRRSSLK
;
A
2 'polypeptide(L)'
;QVQLQESGGGLVQAGGSLRLSCAASGSIFALNIMGWYRQAPGKQRELVAAIHSGGTTNYANSVKGRFTISRDNAANTVYL
QMNSLKPEDTAVYYCNVKDFGAIIYDYDYWGQGTQVTVSS
;
B
#
# COMPACT_ATOMS: atom_id res chain seq x y z
N ASP A 7 -24.28 30.77 24.30
CA ASP A 7 -24.44 29.34 24.13
C ASP A 7 -23.28 28.57 24.75
N ALA A 8 -22.09 29.17 24.75
CA ALA A 8 -20.87 28.56 25.29
C ALA A 8 -20.57 27.21 24.67
N GLU A 9 -20.67 27.12 23.34
CA GLU A 9 -20.46 25.85 22.64
C GLU A 9 -19.42 25.91 21.52
N ASN A 10 -18.22 25.44 21.83
CA ASN A 10 -17.15 25.30 20.84
C ASN A 10 -16.65 23.85 20.74
N LEU A 11 -17.51 22.91 21.11
CA LEU A 11 -17.26 21.49 20.89
C LEU A 11 -17.86 21.06 19.55
N TYR A 12 -17.22 20.09 18.89
CA TYR A 12 -17.61 19.66 17.53
C TYR A 12 -19.04 19.15 17.40
N PHE A 13 -19.60 19.35 16.21
CA PHE A 13 -20.91 18.86 15.80
C PHE A 13 -22.03 19.64 16.47
N GLN A 14 -21.97 20.95 16.30
CA GLN A 14 -23.09 21.80 16.64
C GLN A 14 -24.11 21.61 15.51
N GLY A 15 -25.37 21.47 15.88
CA GLY A 15 -26.41 21.18 14.89
C GLY A 15 -26.92 22.41 14.18
N ASN A 16 -26.71 22.46 12.86
CA ASN A 16 -27.23 23.53 12.03
C ASN A 16 -27.34 23.15 10.55
N ILE A 17 -27.76 24.11 9.74
CA ILE A 17 -28.04 23.89 8.32
C ILE A 17 -26.75 23.83 7.50
N PHE A 18 -25.71 24.50 7.98
CA PHE A 18 -24.46 24.62 7.23
C PHE A 18 -23.68 23.31 7.13
N GLU A 19 -23.52 22.61 8.26
CA GLU A 19 -22.82 21.34 8.22
C GLU A 19 -23.74 20.25 7.67
N MET A 20 -25.05 20.49 7.74
CA MET A 20 -26.03 19.55 7.23
C MET A 20 -26.02 19.50 5.70
N LEU A 21 -26.00 20.67 5.07
CA LEU A 21 -25.95 20.78 3.62
C LEU A 21 -24.58 20.40 3.06
N ARG A 22 -23.53 20.71 3.80
CA ARG A 22 -22.17 20.37 3.39
C ARG A 22 -22.04 18.85 3.23
N ILE A 23 -22.79 18.10 4.03
CA ILE A 23 -22.81 16.65 3.94
C ILE A 23 -23.66 16.18 2.76
N ASP A 24 -24.79 16.83 2.55
CA ASP A 24 -25.69 16.49 1.44
C ASP A 24 -25.16 16.94 0.07
N GLU A 25 -24.56 18.12 0.02
CA GLU A 25 -24.11 18.69 -1.26
C GLU A 25 -22.64 18.37 -1.54
N GLY A 26 -21.81 18.46 -0.51
CA GLY A 26 -20.39 18.31 -0.68
C GLY A 26 -19.78 19.57 -1.25
N LEU A 27 -18.47 19.70 -1.16
CA LEU A 27 -17.77 20.83 -1.76
C LEU A 27 -17.00 20.42 -3.02
N ARG A 28 -17.40 20.99 -4.16
CA ARG A 28 -16.71 20.77 -5.43
C ARG A 28 -16.43 22.12 -6.10
N LEU A 29 -15.14 22.42 -6.30
CA LEU A 29 -14.72 23.73 -6.80
C LEU A 29 -14.96 23.92 -8.30
N LYS A 30 -14.75 22.87 -9.08
CA LYS A 30 -14.94 22.93 -10.52
C LYS A 30 -16.38 22.56 -10.83
N ILE A 31 -16.93 23.15 -11.91
CA ILE A 31 -18.30 22.87 -12.32
C ILE A 31 -18.52 21.37 -12.52
N TYR A 32 -19.68 20.89 -12.10
CA TYR A 32 -20.04 19.49 -12.27
C TYR A 32 -21.51 19.38 -12.63
N LYS A 33 -21.98 18.16 -12.87
CA LYS A 33 -23.38 17.91 -13.12
C LYS A 33 -23.99 17.19 -11.92
N ASP A 34 -25.15 17.65 -11.47
CA ASP A 34 -25.84 16.98 -10.38
C ASP A 34 -26.52 15.71 -10.87
N THR A 35 -27.43 15.16 -10.06
CA THR A 35 -28.12 13.93 -10.42
C THR A 35 -29.09 14.12 -11.58
N GLU A 36 -29.53 15.36 -11.77
CA GLU A 36 -30.47 15.70 -12.84
C GLU A 36 -29.76 15.97 -14.16
N GLY A 37 -28.62 16.65 -14.08
CA GLY A 37 -27.84 16.99 -15.26
C GLY A 37 -27.62 18.48 -15.41
N TYR A 38 -28.06 19.25 -14.42
CA TYR A 38 -27.87 20.70 -14.43
C TYR A 38 -26.50 21.07 -13.87
N TYR A 39 -25.90 22.12 -14.42
CA TYR A 39 -24.57 22.55 -13.99
C TYR A 39 -24.56 23.17 -12.59
N THR A 40 -23.89 22.48 -11.67
CA THR A 40 -23.80 22.90 -10.29
C THR A 40 -22.34 23.12 -9.92
N ILE A 41 -22.08 24.03 -8.98
CA ILE A 41 -20.71 24.27 -8.54
C ILE A 41 -20.69 24.62 -7.05
N GLY A 42 -19.53 24.43 -6.42
CA GLY A 42 -19.39 24.73 -5.00
C GLY A 42 -20.20 23.78 -4.14
N ILE A 43 -20.89 24.33 -3.15
CA ILE A 43 -21.73 23.53 -2.27
C ILE A 43 -23.19 23.59 -2.73
N GLY A 44 -23.46 22.93 -3.85
CA GLY A 44 -24.83 22.79 -4.34
C GLY A 44 -25.42 24.04 -4.94
N HIS A 45 -24.60 24.87 -5.58
CA HIS A 45 -25.09 26.07 -6.23
C HIS A 45 -25.47 25.81 -7.69
N LEU A 46 -26.77 25.92 -7.98
CA LEU A 46 -27.29 25.76 -9.33
C LEU A 46 -26.94 26.93 -10.23
N LEU A 47 -26.06 26.69 -11.21
CA LEU A 47 -25.61 27.74 -12.12
C LEU A 47 -26.69 28.11 -13.15
N THR A 48 -27.17 27.09 -13.86
CA THR A 48 -28.20 27.28 -14.87
C THR A 48 -28.79 25.94 -15.27
N LYS A 49 -29.95 25.97 -15.92
CA LYS A 49 -30.58 24.75 -16.40
C LYS A 49 -30.30 24.54 -17.89
N SER A 50 -29.53 25.45 -18.48
CA SER A 50 -29.14 25.35 -19.87
C SER A 50 -28.09 24.25 -20.07
N PRO A 51 -28.29 23.38 -21.07
CA PRO A 51 -27.38 22.26 -21.37
C PRO A 51 -25.99 22.73 -21.78
N SER A 52 -25.86 24.00 -22.17
CA SER A 52 -24.59 24.55 -22.60
C SER A 52 -23.66 24.83 -21.41
N LEU A 53 -22.41 24.45 -21.53
CA LEU A 53 -21.42 24.68 -20.48
C LEU A 53 -20.97 26.14 -20.47
N ASN A 54 -21.12 26.81 -21.61
CA ASN A 54 -20.77 28.22 -21.71
C ASN A 54 -21.80 29.10 -21.03
N ALA A 55 -23.06 28.66 -21.02
CA ALA A 55 -24.12 29.35 -20.30
C ALA A 55 -23.86 29.25 -18.80
N ALA A 56 -23.35 28.09 -18.40
CA ALA A 56 -22.98 27.85 -17.01
C ALA A 56 -21.85 28.79 -16.58
N LYS A 57 -20.82 28.89 -17.41
CA LYS A 57 -19.64 29.69 -17.10
C LYS A 57 -19.96 31.18 -17.03
N SER A 58 -20.86 31.62 -17.91
CA SER A 58 -21.26 33.02 -17.97
C SER A 58 -22.04 33.44 -16.72
N GLU A 59 -22.93 32.56 -16.25
CA GLU A 59 -23.68 32.81 -15.03
C GLU A 59 -22.75 32.81 -13.82
N LEU A 60 -21.77 31.91 -13.83
CA LEU A 60 -20.80 31.78 -12.75
C LEU A 60 -19.93 33.03 -12.64
N ASP A 61 -19.42 33.50 -13.78
CA ASP A 61 -18.59 34.70 -13.82
C ASP A 61 -19.37 35.93 -13.35
N LYS A 62 -20.67 35.95 -13.64
CA LYS A 62 -21.53 37.05 -13.23
C LYS A 62 -21.73 37.05 -11.71
N ALA A 63 -21.90 35.86 -11.16
CA ALA A 63 -22.10 35.70 -9.72
C ALA A 63 -20.85 36.03 -8.91
N ILE A 64 -19.72 35.49 -9.34
CA ILE A 64 -18.46 35.70 -8.63
C ILE A 64 -17.93 37.11 -8.84
N GLY A 65 -18.01 37.60 -10.08
CA GLY A 65 -17.60 38.95 -10.40
C GLY A 65 -16.29 39.01 -11.17
N ARG A 66 -15.85 37.88 -11.68
CA ARG A 66 -14.60 37.83 -12.42
C ARG A 66 -14.62 36.67 -13.40
N ASN A 67 -13.58 36.59 -14.23
CA ASN A 67 -13.43 35.48 -15.17
C ASN A 67 -12.87 34.24 -14.46
N THR A 68 -13.75 33.28 -14.18
CA THR A 68 -13.40 32.13 -13.35
C THR A 68 -12.95 30.91 -14.14
N ASN A 69 -13.35 30.83 -15.40
CA ASN A 69 -13.07 29.68 -16.26
C ASN A 69 -13.64 28.35 -15.75
N GLY A 70 -14.72 28.44 -14.99
CA GLY A 70 -15.39 27.25 -14.48
C GLY A 70 -14.89 26.83 -13.11
N VAL A 71 -13.88 27.54 -12.60
CA VAL A 71 -13.28 27.19 -11.33
C VAL A 71 -13.22 28.37 -10.35
N ILE A 72 -13.86 28.20 -9.20
CA ILE A 72 -13.81 29.17 -8.11
C ILE A 72 -12.88 28.69 -6.99
N THR A 73 -12.65 29.56 -6.00
CA THR A 73 -11.83 29.23 -4.85
C THR A 73 -12.68 28.74 -3.69
N LYS A 74 -12.03 28.19 -2.66
CA LYS A 74 -12.74 27.77 -1.45
C LYS A 74 -13.51 28.95 -0.85
N ASP A 75 -12.80 30.08 -0.69
CA ASP A 75 -13.39 31.31 -0.17
C ASP A 75 -14.63 31.71 -0.95
N GLU A 76 -14.56 31.63 -2.28
CA GLU A 76 -15.68 32.00 -3.13
C GLU A 76 -16.82 31.00 -2.99
N ALA A 77 -16.48 29.74 -2.83
CA ALA A 77 -17.47 28.68 -2.67
C ALA A 77 -18.29 28.86 -1.40
N GLU A 78 -17.63 29.23 -0.31
CA GLU A 78 -18.31 29.40 0.97
C GLU A 78 -19.22 30.62 0.96
N LYS A 79 -18.79 31.70 0.30
CA LYS A 79 -19.62 32.89 0.16
C LYS A 79 -20.85 32.63 -0.71
N LEU A 80 -20.71 31.78 -1.72
CA LEU A 80 -21.86 31.34 -2.49
C LEU A 80 -22.79 30.49 -1.62
N PHE A 81 -22.20 29.67 -0.75
CA PHE A 81 -22.96 28.81 0.14
C PHE A 81 -23.88 29.62 1.05
N ASN A 82 -23.31 30.55 1.81
CA ASN A 82 -24.08 31.37 2.75
C ASN A 82 -25.12 32.24 2.07
N GLN A 83 -24.78 32.78 0.91
CA GLN A 83 -25.74 33.54 0.12
C GLN A 83 -26.92 32.67 -0.26
N ASP A 84 -26.63 31.45 -0.69
CA ASP A 84 -27.66 30.52 -1.13
C ASP A 84 -28.52 30.07 0.03
N VAL A 85 -27.91 30.00 1.22
CA VAL A 85 -28.64 29.63 2.42
C VAL A 85 -29.53 30.78 2.87
N ASP A 86 -28.97 31.99 2.89
CA ASP A 86 -29.71 33.18 3.29
C ASP A 86 -30.86 33.49 2.32
N ALA A 87 -30.63 33.26 1.03
CA ALA A 87 -31.69 33.44 0.04
C ALA A 87 -32.78 32.39 0.20
N ALA A 88 -32.45 31.26 0.83
CA ALA A 88 -33.42 30.21 1.07
C ALA A 88 -34.25 30.60 2.28
N VAL A 89 -33.59 31.17 3.28
CA VAL A 89 -34.26 31.63 4.50
C VAL A 89 -35.14 32.84 4.18
N ARG A 90 -34.62 33.74 3.34
CA ARG A 90 -35.41 34.88 2.91
C ARG A 90 -36.57 34.45 2.03
N GLY A 91 -36.37 33.38 1.27
CA GLY A 91 -37.42 32.84 0.43
C GLY A 91 -38.53 32.20 1.24
N ILE A 92 -38.18 31.63 2.38
CA ILE A 92 -39.15 30.98 3.25
C ILE A 92 -40.02 32.03 3.94
N LEU A 93 -39.39 33.08 4.45
CA LEU A 93 -40.09 34.13 5.18
C LEU A 93 -40.95 35.02 4.27
N ARG A 94 -40.60 35.06 2.99
CA ARG A 94 -41.39 35.81 2.01
C ARG A 94 -42.63 35.04 1.57
N ASN A 95 -42.56 33.71 1.66
CA ASN A 95 -43.65 32.85 1.17
C ASN A 95 -44.76 32.72 2.19
N ALA A 96 -45.98 32.49 1.72
CA ALA A 96 -47.16 32.42 2.59
C ALA A 96 -47.43 31.00 3.09
N LYS A 97 -46.83 30.01 2.44
CA LYS A 97 -47.01 28.62 2.84
C LYS A 97 -45.83 28.12 3.66
N LEU A 98 -44.68 28.76 3.51
CA LEU A 98 -43.45 28.32 4.15
C LEU A 98 -43.26 28.97 5.52
N LYS A 99 -43.58 30.25 5.62
CA LYS A 99 -43.40 30.97 6.89
C LYS A 99 -44.24 30.46 8.07
N PRO A 100 -45.54 30.19 7.86
CA PRO A 100 -46.34 29.63 8.97
C PRO A 100 -45.74 28.34 9.50
N VAL A 101 -45.29 27.48 8.61
CA VAL A 101 -44.71 26.20 8.99
C VAL A 101 -43.33 26.39 9.61
N TYR A 102 -42.54 27.28 9.01
CA TYR A 102 -41.16 27.52 9.45
C TYR A 102 -41.06 28.03 10.88
N ASP A 103 -41.95 28.95 11.25
CA ASP A 103 -41.99 29.48 12.61
C ASP A 103 -42.33 28.40 13.63
N SER A 104 -43.31 27.57 13.29
CA SER A 104 -43.81 26.55 14.22
C SER A 104 -42.91 25.34 14.30
N LEU A 105 -41.72 25.41 13.72
CA LEU A 105 -40.78 24.30 13.76
C LEU A 105 -39.67 24.58 14.76
N ASP A 106 -39.04 23.53 15.26
CA ASP A 106 -37.90 23.67 16.15
C ASP A 106 -36.63 23.96 15.35
N ALA A 107 -35.54 24.23 16.06
CA ALA A 107 -34.25 24.54 15.44
C ALA A 107 -33.82 23.47 14.43
N VAL A 108 -33.92 22.21 14.85
CA VAL A 108 -33.50 21.08 14.01
C VAL A 108 -34.40 20.90 12.79
N ARG A 109 -35.71 20.99 12.99
CA ARG A 109 -36.64 20.82 11.88
C ARG A 109 -36.74 22.06 11.00
N ARG A 110 -36.17 23.17 11.45
CA ARG A 110 -36.09 24.36 10.62
C ARG A 110 -35.03 24.16 9.55
N ALA A 111 -33.93 23.53 9.94
CA ALA A 111 -32.85 23.23 9.02
C ALA A 111 -33.30 22.24 7.95
N ALA A 112 -34.14 21.30 8.33
CA ALA A 112 -34.67 20.31 7.40
C ALA A 112 -35.55 20.96 6.34
N LEU A 113 -36.23 22.03 6.71
CA LEU A 113 -37.06 22.78 5.76
C LEU A 113 -36.18 23.63 4.86
N ILE A 114 -35.25 24.36 5.46
CA ILE A 114 -34.29 25.16 4.71
C ILE A 114 -33.58 24.30 3.67
N ASN A 115 -33.17 23.11 4.10
CA ASN A 115 -32.53 22.14 3.22
C ASN A 115 -33.34 21.88 1.95
N MET A 116 -34.64 21.66 2.11
CA MET A 116 -35.52 21.43 0.97
C MET A 116 -35.64 22.67 0.09
N VAL A 117 -35.85 23.82 0.70
CA VAL A 117 -35.91 25.08 -0.03
C VAL A 117 -34.60 25.36 -0.77
N PHE A 118 -33.48 25.10 -0.09
CA PHE A 118 -32.15 25.28 -0.65
C PHE A 118 -31.96 24.44 -1.91
N GLN A 119 -32.61 23.28 -1.93
CA GLN A 119 -32.41 22.35 -3.02
C GLN A 119 -33.31 22.63 -4.21
N MET A 120 -34.62 22.60 -3.99
CA MET A 120 -35.57 22.76 -5.08
C MET A 120 -36.34 24.09 -5.09
N GLY A 121 -35.81 25.09 -4.41
CA GLY A 121 -36.37 26.43 -4.48
C GLY A 121 -37.61 26.68 -3.63
N GLU A 122 -37.81 27.94 -3.25
CA GLU A 122 -38.97 28.38 -2.49
C GLU A 122 -40.29 27.94 -3.09
N THR A 123 -40.47 28.24 -4.38
CA THR A 123 -41.71 27.94 -5.08
C THR A 123 -42.03 26.44 -5.09
N GLY A 124 -41.03 25.62 -5.39
CA GLY A 124 -41.20 24.18 -5.43
C GLY A 124 -41.60 23.58 -4.10
N VAL A 125 -40.93 24.00 -3.02
CA VAL A 125 -41.22 23.46 -1.70
C VAL A 125 -42.64 23.78 -1.26
N ALA A 126 -43.09 25.01 -1.54
CA ALA A 126 -44.44 25.42 -1.20
C ALA A 126 -45.50 24.59 -1.91
N GLY A 127 -45.06 23.80 -2.90
CA GLY A 127 -45.95 22.89 -3.61
C GLY A 127 -46.30 21.68 -2.77
N PHE A 128 -45.53 21.45 -1.71
CA PHE A 128 -45.81 20.35 -0.79
C PHE A 128 -46.92 20.78 0.16
N THR A 129 -48.14 20.88 -0.35
CA THR A 129 -49.26 21.37 0.43
C THR A 129 -49.56 20.46 1.63
N ASN A 130 -49.80 19.18 1.36
CA ASN A 130 -50.12 18.20 2.40
C ASN A 130 -49.03 18.00 3.44
N SER A 131 -47.80 17.84 2.98
CA SER A 131 -46.70 17.61 3.90
C SER A 131 -46.39 18.82 4.77
N LEU A 132 -46.71 20.02 4.26
CA LEU A 132 -46.54 21.23 5.05
C LEU A 132 -47.69 21.39 6.04
N ARG A 133 -48.85 20.86 5.66
CA ARG A 133 -50.01 20.90 6.53
C ARG A 133 -49.79 19.98 7.72
N MET A 134 -49.08 18.88 7.48
CA MET A 134 -48.77 17.92 8.54
C MET A 134 -47.67 18.46 9.45
N LEU A 135 -46.66 19.09 8.87
CA LEU A 135 -45.56 19.64 9.66
C LEU A 135 -46.05 20.78 10.55
N GLN A 136 -47.08 21.47 10.09
CA GLN A 136 -47.65 22.58 10.81
C GLN A 136 -48.40 22.08 12.05
N GLN A 137 -49.10 20.96 11.89
CA GLN A 137 -49.86 20.36 12.98
C GLN A 137 -49.02 19.37 13.78
N LYS A 138 -47.72 19.34 13.50
CA LYS A 138 -46.75 18.53 14.23
C LYS A 138 -47.00 17.03 14.10
N ARG A 139 -47.37 16.59 12.90
CA ARG A 139 -47.53 15.17 12.63
C ARG A 139 -46.32 14.68 11.84
N TRP A 140 -45.21 14.47 12.55
CA TRP A 140 -43.93 14.20 11.91
C TRP A 140 -43.88 12.89 11.13
N ASP A 141 -44.47 11.84 11.67
CA ASP A 141 -44.40 10.52 11.05
C ASP A 141 -45.28 10.39 9.81
N GLU A 142 -46.36 11.18 9.73
CA GLU A 142 -47.20 11.19 8.54
C GLU A 142 -46.52 11.97 7.44
N ALA A 143 -45.95 13.11 7.81
CA ALA A 143 -45.17 13.93 6.89
C ALA A 143 -43.99 13.14 6.37
N ALA A 144 -43.40 12.30 7.22
CA ALA A 144 -42.28 11.45 6.85
C ALA A 144 -42.67 10.40 5.81
N VAL A 145 -43.81 9.76 6.02
CA VAL A 145 -44.31 8.77 5.08
C VAL A 145 -44.69 9.46 3.77
N ASN A 146 -45.38 10.59 3.91
CA ASN A 146 -45.88 11.34 2.77
C ASN A 146 -44.78 11.87 1.85
N LEU A 147 -43.75 12.44 2.45
CA LEU A 147 -42.67 13.02 1.66
C LEU A 147 -41.94 11.96 0.84
N ALA A 148 -41.93 10.73 1.35
CA ALA A 148 -41.26 9.62 0.68
C ALA A 148 -42.01 9.14 -0.56
N LYS A 149 -43.15 9.77 -0.84
CA LYS A 149 -43.94 9.45 -2.04
C LYS A 149 -43.78 10.51 -3.13
N SER A 150 -42.75 11.33 -3.02
CA SER A 150 -42.57 12.47 -3.92
C SER A 150 -41.53 12.21 -5.00
N ARG A 151 -41.46 13.11 -5.97
CA ARG A 151 -40.50 13.02 -7.07
C ARG A 151 -39.11 13.31 -6.52
N TRP A 152 -39.09 13.99 -5.38
CA TRP A 152 -37.87 14.36 -4.69
C TRP A 152 -37.21 13.13 -4.06
N TYR A 153 -38.03 12.18 -3.63
CA TYR A 153 -37.53 10.98 -2.98
C TYR A 153 -36.97 9.98 -4.00
N ASN A 154 -37.49 10.05 -5.23
CA ASN A 154 -37.06 9.12 -6.26
C ASN A 154 -35.79 9.55 -6.98
N GLN A 155 -35.52 10.85 -6.97
CA GLN A 155 -34.34 11.40 -7.64
C GLN A 155 -33.10 11.35 -6.74
N THR A 156 -33.26 11.80 -5.50
CA THR A 156 -32.18 11.72 -4.53
C THR A 156 -32.66 11.06 -3.24
N PRO A 157 -32.83 9.73 -3.26
CA PRO A 157 -33.37 9.01 -2.10
C PRO A 157 -32.47 9.11 -0.86
N ASN A 158 -31.16 8.94 -1.03
CA ASN A 158 -30.24 8.98 0.09
C ASN A 158 -30.29 10.28 0.86
N ARG A 159 -30.38 11.39 0.12
CA ARG A 159 -30.48 12.71 0.74
C ARG A 159 -31.85 12.93 1.36
N ALA A 160 -32.89 12.47 0.67
CA ALA A 160 -34.26 12.61 1.14
C ALA A 160 -34.47 11.87 2.47
N LYS A 161 -34.00 10.63 2.55
CA LYS A 161 -34.14 9.84 3.77
C LYS A 161 -33.57 10.58 4.99
N ARG A 162 -32.41 11.21 4.82
CA ARG A 162 -31.79 11.94 5.90
C ARG A 162 -32.63 13.14 6.32
N VAL A 163 -33.17 13.84 5.33
CA VAL A 163 -33.98 15.04 5.57
C VAL A 163 -35.34 14.65 6.14
N ILE A 164 -35.91 13.56 5.63
CA ILE A 164 -37.16 13.04 6.16
C ILE A 164 -36.96 12.57 7.60
N THR A 165 -35.86 11.88 7.86
CA THR A 165 -35.54 11.41 9.22
C THR A 165 -35.38 12.58 10.17
N THR A 166 -34.76 13.66 9.67
CA THR A 166 -34.61 14.87 10.46
C THR A 166 -35.95 15.49 10.79
N PHE A 167 -36.90 15.36 9.87
CA PHE A 167 -38.26 15.84 10.10
C PHE A 167 -39.00 14.95 11.10
N ARG A 168 -38.84 13.64 10.95
CA ARG A 168 -39.51 12.68 11.82
C ARG A 168 -38.97 12.73 13.25
N THR A 169 -37.69 12.41 13.42
CA THR A 169 -37.08 12.34 14.74
C THR A 169 -36.92 13.71 15.40
N GLY A 170 -36.57 14.71 14.61
CA GLY A 170 -36.40 16.05 15.13
C GLY A 170 -35.02 16.22 15.74
N THR A 171 -34.15 15.26 15.45
CA THR A 171 -32.78 15.29 15.94
C THR A 171 -31.81 15.17 14.78
N TRP A 172 -30.52 15.23 15.10
CA TRP A 172 -29.48 15.16 14.08
C TRP A 172 -28.95 13.74 13.95
N ASP A 173 -29.78 12.75 14.23
CA ASP A 173 -29.36 11.35 14.19
C ASP A 173 -28.79 10.95 12.83
N ALA A 174 -29.42 11.42 11.76
CA ALA A 174 -29.03 11.02 10.42
C ALA A 174 -27.71 11.67 9.98
N TYR A 175 -27.26 12.67 10.73
CA TYR A 175 -26.02 13.38 10.42
C TYR A 175 -24.97 13.25 11.52
N ALA A 176 -25.41 12.86 12.71
CA ALA A 176 -24.53 12.71 13.86
C ALA A 176 -23.46 11.64 13.64
N ALA A 177 -23.86 10.53 13.03
CA ALA A 177 -22.96 9.41 12.83
C ALA A 177 -21.84 9.74 11.86
N ASP A 178 -22.08 10.70 10.98
CA ASP A 178 -21.09 11.07 9.96
C ASP A 178 -19.78 11.51 10.60
N GLU A 179 -19.85 12.09 11.78
CA GLU A 179 -18.63 12.60 12.39
C GLU A 179 -17.88 11.53 13.19
N VAL A 180 -18.62 10.59 13.79
CA VAL A 180 -18.03 9.41 14.42
C VAL A 180 -17.08 8.64 13.48
N TRP A 181 -17.45 8.51 12.22
CA TRP A 181 -16.62 7.79 11.25
C TRP A 181 -15.30 8.51 10.92
N VAL A 182 -15.32 9.83 10.98
CA VAL A 182 -14.10 10.62 10.85
C VAL A 182 -13.15 10.32 12.02
N VAL A 183 -13.74 10.20 13.21
CA VAL A 183 -12.98 9.89 14.43
C VAL A 183 -12.38 8.49 14.37
N GLY A 184 -13.19 7.51 13.98
CA GLY A 184 -12.71 6.16 13.78
C GLY A 184 -11.60 6.08 12.75
N MET A 185 -11.69 6.93 11.74
CA MET A 185 -10.71 6.99 10.66
C MET A 185 -9.37 7.45 11.22
N GLY A 186 -9.41 8.43 12.12
CA GLY A 186 -8.21 9.04 12.64
C GLY A 186 -7.34 8.11 13.48
N ILE A 187 -7.96 7.29 14.31
CA ILE A 187 -7.20 6.37 15.14
C ILE A 187 -6.59 5.24 14.31
N VAL A 188 -7.29 4.83 13.25
CA VAL A 188 -6.79 3.78 12.38
C VAL A 188 -5.51 4.23 11.70
N MET A 189 -5.49 5.49 11.27
CA MET A 189 -4.30 6.10 10.68
C MET A 189 -3.12 6.07 11.65
N SER A 190 -3.41 6.36 12.93
CA SER A 190 -2.40 6.30 13.97
C SER A 190 -1.80 4.90 14.09
N LEU A 191 -2.67 3.88 14.11
CA LEU A 191 -2.22 2.49 14.18
C LEU A 191 -1.42 2.10 12.94
N ILE A 192 -1.73 2.71 11.81
CA ILE A 192 -0.96 2.46 10.60
C ILE A 192 0.44 3.03 10.76
N VAL A 193 0.53 4.30 11.15
CA VAL A 193 1.81 4.96 11.37
C VAL A 193 2.64 4.18 12.39
N LEU A 194 2.03 3.82 13.50
CA LEU A 194 2.70 3.06 14.54
C LEU A 194 3.29 1.75 14.02
N ALA A 195 2.48 0.98 13.31
CA ALA A 195 2.92 -0.30 12.77
C ALA A 195 4.07 -0.15 11.78
N ILE A 196 3.96 0.83 10.88
CA ILE A 196 5.00 1.06 9.88
C ILE A 196 6.33 1.48 10.51
N VAL A 197 6.26 2.39 11.46
CA VAL A 197 7.46 2.87 12.14
C VAL A 197 8.11 1.76 12.97
N PHE A 198 7.31 1.15 13.84
CA PHE A 198 7.83 0.17 14.78
C PHE A 198 8.35 -1.06 14.06
N GLY A 199 7.59 -1.55 13.10
CA GLY A 199 7.99 -2.71 12.31
C GLY A 199 9.28 -2.51 11.55
N ASN A 200 9.45 -1.34 10.93
CA ASN A 200 10.63 -1.08 10.11
C ASN A 200 11.87 -0.64 10.89
N VAL A 201 11.68 0.13 11.97
CA VAL A 201 12.79 0.49 12.84
C VAL A 201 13.42 -0.78 13.42
N LEU A 202 12.57 -1.78 13.68
CA LEU A 202 13.00 -3.08 14.17
C LEU A 202 13.88 -3.82 13.15
N VAL A 203 13.40 -3.89 11.91
CA VAL A 203 14.12 -4.58 10.84
C VAL A 203 15.51 -3.98 10.62
N ILE A 204 15.57 -2.65 10.56
CA ILE A 204 16.83 -1.95 10.34
C ILE A 204 17.80 -2.11 11.52
N THR A 205 17.26 -2.15 12.72
CA THR A 205 18.10 -2.35 13.91
C THR A 205 18.64 -3.77 13.95
N ALA A 206 17.77 -4.73 13.62
CA ALA A 206 18.15 -6.14 13.61
C ALA A 206 19.30 -6.43 12.66
N ILE A 207 19.27 -5.82 11.48
CA ILE A 207 20.30 -6.04 10.48
C ILE A 207 21.60 -5.29 10.82
N ALA A 208 21.46 -4.06 11.33
CA ALA A 208 22.63 -3.26 11.68
C ALA A 208 23.39 -3.81 12.90
N LYS A 209 22.66 -4.39 13.85
CA LYS A 209 23.25 -4.82 15.11
C LYS A 209 23.82 -6.23 15.05
N PHE A 210 23.07 -7.14 14.45
CA PHE A 210 23.53 -8.53 14.33
C PHE A 210 24.41 -8.75 13.10
N GLU A 211 25.62 -9.25 13.35
CA GLU A 211 26.62 -9.48 12.33
C GLU A 211 26.26 -10.64 11.35
N ARG A 212 25.22 -11.39 11.72
CA ARG A 212 24.77 -12.59 11.01
C ARG A 212 23.60 -12.37 10.02
N LEU A 213 22.94 -11.23 10.14
CA LEU A 213 21.90 -10.82 9.22
C LEU A 213 22.53 -9.90 8.16
N GLN A 214 23.83 -10.02 8.00
CA GLN A 214 24.60 -9.20 7.06
C GLN A 214 24.74 -9.90 5.71
N THR A 215 23.63 -10.41 5.17
CA THR A 215 23.64 -11.10 3.89
C THR A 215 23.21 -10.16 2.76
N VAL A 216 23.49 -10.55 1.52
CA VAL A 216 23.14 -9.74 0.36
C VAL A 216 21.64 -9.46 0.28
N THR A 217 20.83 -10.50 0.47
CA THR A 217 19.38 -10.35 0.45
C THR A 217 18.92 -9.34 1.51
N ASN A 218 19.50 -9.41 2.70
CA ASN A 218 19.18 -8.47 3.77
C ASN A 218 19.63 -7.06 3.46
N TYR A 219 20.65 -6.92 2.62
CA TYR A 219 21.08 -5.59 2.19
C TYR A 219 20.00 -4.92 1.36
N PHE A 220 19.19 -5.72 0.68
CA PHE A 220 18.06 -5.18 -0.09
C PHE A 220 16.87 -4.95 0.84
N ILE A 221 16.74 -5.81 1.86
CA ILE A 221 15.67 -5.65 2.84
C ILE A 221 15.82 -4.32 3.56
N THR A 222 17.04 -3.99 3.94
CA THR A 222 17.35 -2.74 4.64
C THR A 222 16.85 -1.53 3.86
N SER A 223 17.08 -1.55 2.54
CA SER A 223 16.64 -0.47 1.66
C SER A 223 15.11 -0.39 1.63
N LEU A 224 14.48 -1.55 1.47
CA LEU A 224 13.03 -1.64 1.51
C LEU A 224 12.49 -1.15 2.86
N ALA A 225 13.20 -1.49 3.94
CA ALA A 225 12.81 -1.08 5.28
C ALA A 225 13.04 0.42 5.49
N CYS A 226 14.07 0.96 4.86
CA CYS A 226 14.36 2.39 4.93
C CYS A 226 13.28 3.20 4.21
N ALA A 227 12.90 2.72 3.03
CA ALA A 227 11.86 3.38 2.24
C ALA A 227 10.55 3.38 3.00
N ASP A 228 10.21 2.26 3.64
CA ASP A 228 8.98 2.17 4.41
C ASP A 228 9.06 3.00 5.68
N LEU A 229 10.25 3.16 6.23
CA LEU A 229 10.44 3.96 7.42
C LEU A 229 10.10 5.43 7.19
N VAL A 230 10.63 5.99 6.09
CA VAL A 230 10.39 7.40 5.78
C VAL A 230 8.92 7.63 5.44
N MET A 231 8.28 6.57 4.95
CA MET A 231 6.84 6.62 4.68
C MET A 231 6.03 6.90 5.95
N GLY A 232 6.22 6.05 6.96
CA GLY A 232 5.49 6.18 8.20
C GLY A 232 5.90 7.36 9.05
N LEU A 233 7.05 7.96 8.76
CA LEU A 233 7.48 9.13 9.52
C LEU A 233 7.07 10.42 8.85
N ALA A 234 7.41 10.56 7.57
CA ALA A 234 7.14 11.78 6.83
C ALA A 234 5.85 11.73 6.01
N VAL A 235 5.73 10.73 5.15
CA VAL A 235 4.59 10.68 4.24
C VAL A 235 3.25 10.43 4.93
N VAL A 236 3.12 9.29 5.61
CA VAL A 236 1.84 8.89 6.18
C VAL A 236 1.23 9.85 7.22
N PRO A 237 2.04 10.31 8.20
CA PRO A 237 1.42 11.22 9.19
C PRO A 237 0.95 12.54 8.58
N PHE A 238 1.79 13.17 7.77
CA PHE A 238 1.45 14.46 7.18
C PHE A 238 0.24 14.35 6.25
N GLY A 239 0.11 13.20 5.60
CA GLY A 239 -1.04 12.93 4.76
C GLY A 239 -2.29 12.77 5.61
N ALA A 240 -2.13 12.16 6.78
CA ALA A 240 -3.24 11.98 7.71
C ALA A 240 -3.76 13.33 8.20
N ALA A 241 -2.85 14.24 8.53
CA ALA A 241 -3.23 15.58 8.97
C ALA A 241 -3.90 16.37 7.86
N HIS A 242 -3.42 16.17 6.63
CA HIS A 242 -3.99 16.82 5.46
C HIS A 242 -5.46 16.44 5.25
N ILE A 243 -5.77 15.16 5.48
CA ILE A 243 -7.11 14.64 5.28
C ILE A 243 -8.03 15.03 6.44
N LEU A 244 -7.52 14.87 7.66
CA LEU A 244 -8.31 15.13 8.86
C LEU A 244 -8.69 16.59 9.00
N THR A 245 -7.72 17.48 8.85
CA THR A 245 -7.95 18.91 9.03
C THR A 245 -8.53 19.57 7.76
N LYS A 246 -8.82 18.76 6.75
CA LYS A 246 -9.42 19.20 5.49
C LYS A 246 -8.55 20.15 4.65
N THR A 247 -7.47 20.66 5.23
CA THR A 247 -6.60 21.60 4.53
C THR A 247 -5.12 21.28 4.72
N TRP A 248 -4.27 22.14 4.19
CA TRP A 248 -2.82 21.97 4.28
C TRP A 248 -2.19 23.20 4.92
N THR A 249 -1.45 23.00 6.02
CA THR A 249 -0.93 24.12 6.80
C THR A 249 0.59 24.20 6.85
N PHE A 250 1.27 23.86 5.75
CA PHE A 250 2.72 23.94 5.72
C PHE A 250 3.23 24.69 4.47
N GLY A 251 2.38 25.51 3.87
CA GLY A 251 2.76 26.28 2.71
C GLY A 251 3.00 25.44 1.47
N ASN A 252 3.30 26.09 0.35
CA ASN A 252 3.49 25.41 -0.94
C ASN A 252 4.78 24.62 -1.06
N PHE A 253 5.85 25.10 -0.42
CA PHE A 253 7.14 24.44 -0.54
C PHE A 253 7.14 23.04 0.06
N TRP A 254 6.58 22.93 1.27
CA TRP A 254 6.54 21.64 1.95
C TRP A 254 5.45 20.75 1.38
N CYS A 255 4.53 21.36 0.63
CA CYS A 255 3.47 20.60 -0.02
C CYS A 255 4.07 19.77 -1.17
N GLU A 256 4.96 20.38 -1.94
CA GLU A 256 5.61 19.68 -3.05
C GLU A 256 6.84 18.92 -2.58
N PHE A 257 7.39 19.33 -1.44
CA PHE A 257 8.48 18.57 -0.84
C PHE A 257 7.95 17.25 -0.29
N TRP A 258 6.84 17.33 0.43
CA TRP A 258 6.17 16.14 0.94
C TRP A 258 5.71 15.24 -0.19
N THR A 259 5.05 15.81 -1.19
CA THR A 259 4.63 15.07 -2.38
C THR A 259 5.82 14.36 -3.05
N SER A 260 6.97 15.00 -3.01
CA SER A 260 8.21 14.42 -3.56
C SER A 260 8.66 13.22 -2.74
N ILE A 261 8.60 13.34 -1.42
CA ILE A 261 8.95 12.22 -0.53
C ILE A 261 8.00 11.03 -0.73
N ASP A 262 6.73 11.33 -0.95
CA ASP A 262 5.70 10.32 -1.22
C ASP A 262 6.13 9.44 -2.39
N VAL A 263 6.25 10.05 -3.55
CA VAL A 263 6.58 9.33 -4.77
C VAL A 263 7.96 8.70 -4.68
N LEU A 264 8.90 9.38 -4.02
CA LEU A 264 10.25 8.85 -3.86
C LEU A 264 10.26 7.52 -3.13
N CYS A 265 9.59 7.45 -2.00
CA CYS A 265 9.63 6.25 -1.17
C CYS A 265 8.80 5.11 -1.76
N VAL A 266 7.68 5.46 -2.41
CA VAL A 266 6.85 4.43 -3.05
C VAL A 266 7.61 3.78 -4.19
N THR A 267 8.38 4.58 -4.93
CA THR A 267 9.21 4.06 -6.02
C THR A 267 10.32 3.16 -5.46
N ALA A 268 11.11 3.70 -4.53
CA ALA A 268 12.21 2.96 -3.91
C ALA A 268 11.76 1.67 -3.21
N SER A 269 10.55 1.69 -2.65
CA SER A 269 10.00 0.51 -1.99
C SER A 269 9.67 -0.60 -3.01
N ILE A 270 8.79 -0.28 -3.96
CA ILE A 270 8.37 -1.25 -4.97
C ILE A 270 9.50 -1.75 -5.88
N GLU A 271 10.38 -0.84 -6.30
CA GLU A 271 11.54 -1.24 -7.11
C GLU A 271 12.46 -2.18 -6.33
N THR A 272 12.53 -2.01 -5.02
CA THR A 272 13.33 -2.90 -4.18
C THR A 272 12.67 -4.28 -4.06
N LEU A 273 11.34 -4.31 -3.90
CA LEU A 273 10.59 -5.56 -3.92
C LEU A 273 10.89 -6.32 -5.20
N CYS A 274 11.01 -5.57 -6.29
CA CYS A 274 11.39 -6.11 -7.57
C CYS A 274 12.83 -6.65 -7.56
N VAL A 275 13.77 -5.86 -7.02
CA VAL A 275 15.16 -6.28 -6.92
C VAL A 275 15.31 -7.52 -6.04
N ILE A 276 14.56 -7.58 -4.95
CA ILE A 276 14.57 -8.73 -4.06
C ILE A 276 14.11 -10.00 -4.78
N ALA A 277 13.03 -9.89 -5.57
CA ALA A 277 12.53 -11.02 -6.35
C ALA A 277 13.58 -11.58 -7.30
N VAL A 278 14.28 -10.69 -7.99
CA VAL A 278 15.37 -11.07 -8.87
C VAL A 278 16.51 -11.68 -8.08
N ASP A 279 16.86 -11.04 -6.96
CA ASP A 279 17.89 -11.53 -6.05
C ASP A 279 17.63 -12.97 -5.63
N ARG A 280 16.40 -13.22 -5.18
CA ARG A 280 16.02 -14.54 -4.69
C ARG A 280 15.93 -15.56 -5.83
N TYR A 281 15.66 -15.09 -7.04
CA TYR A 281 15.65 -15.99 -8.19
C TYR A 281 17.03 -16.57 -8.43
N PHE A 282 18.04 -15.70 -8.47
CA PHE A 282 19.41 -16.13 -8.68
C PHE A 282 19.95 -16.86 -7.47
N ALA A 283 19.50 -16.43 -6.28
CA ALA A 283 19.94 -17.07 -5.05
C ALA A 283 19.46 -18.51 -4.99
N ILE A 284 18.33 -18.78 -5.64
CA ILE A 284 17.68 -20.09 -5.58
C ILE A 284 17.97 -20.98 -6.77
N THR A 285 17.92 -20.40 -7.97
CA THR A 285 18.07 -21.15 -9.22
C THR A 285 19.53 -21.44 -9.54
N SER A 286 20.40 -20.48 -9.26
CA SER A 286 21.83 -20.63 -9.50
C SER A 286 22.62 -20.00 -8.35
N PRO A 287 22.73 -20.73 -7.23
CA PRO A 287 23.26 -20.22 -5.96
C PRO A 287 24.77 -20.03 -5.95
N PHE A 288 25.47 -20.79 -6.78
CA PHE A 288 26.92 -20.75 -6.81
C PHE A 288 27.42 -19.55 -7.59
N LYS A 289 26.74 -19.26 -8.70
CA LYS A 289 27.04 -18.06 -9.48
C LYS A 289 26.59 -16.82 -8.70
N TYR A 290 25.44 -16.94 -8.03
CA TYR A 290 24.87 -15.83 -7.25
C TYR A 290 25.80 -15.35 -6.15
N GLN A 291 26.40 -16.29 -5.44
CA GLN A 291 27.28 -15.96 -4.33
C GLN A 291 28.56 -15.27 -4.81
N SER A 292 29.09 -15.71 -5.95
CA SER A 292 30.38 -15.22 -6.44
C SER A 292 30.27 -13.90 -7.21
N LEU A 293 29.18 -13.73 -7.95
CA LEU A 293 28.98 -12.55 -8.79
C LEU A 293 28.46 -11.35 -7.99
N LEU A 294 27.41 -11.58 -7.20
CA LEU A 294 26.78 -10.53 -6.42
C LEU A 294 27.48 -10.30 -5.08
N THR A 295 28.41 -9.35 -5.07
CA THR A 295 29.12 -8.98 -3.85
C THR A 295 28.31 -7.98 -3.06
N LYS A 296 28.80 -7.61 -1.88
CA LYS A 296 28.12 -6.59 -1.07
C LYS A 296 28.32 -5.20 -1.66
N ASN A 297 29.43 -5.01 -2.37
CA ASN A 297 29.66 -3.75 -3.07
C ASN A 297 28.78 -3.59 -4.30
N LYS A 298 28.64 -4.68 -5.06
CA LYS A 298 27.77 -4.68 -6.22
C LYS A 298 26.32 -4.44 -5.81
N ALA A 299 25.92 -5.00 -4.67
CA ALA A 299 24.56 -4.82 -4.16
C ALA A 299 24.33 -3.38 -3.69
N ARG A 300 25.35 -2.79 -3.08
CA ARG A 300 25.25 -1.42 -2.60
C ARG A 300 25.23 -0.43 -3.75
N VAL A 301 25.67 -0.89 -4.93
CA VAL A 301 25.56 -0.10 -6.15
C VAL A 301 24.14 -0.21 -6.71
N ILE A 302 23.58 -1.42 -6.69
CA ILE A 302 22.21 -1.65 -7.11
C ILE A 302 21.26 -0.76 -6.30
N ILE A 303 21.46 -0.73 -4.99
CA ILE A 303 20.65 0.10 -4.09
C ILE A 303 20.71 1.58 -4.43
N LEU A 304 21.93 2.09 -4.61
CA LEU A 304 22.14 3.47 -5.04
C LEU A 304 21.36 3.80 -6.31
N MET A 305 21.45 2.93 -7.31
CA MET A 305 20.75 3.15 -8.58
C MET A 305 19.23 3.17 -8.43
N VAL A 306 18.71 2.26 -7.62
CA VAL A 306 17.27 2.22 -7.35
C VAL A 306 16.80 3.53 -6.70
N TRP A 307 17.63 4.07 -5.81
CA TRP A 307 17.33 5.36 -5.19
C TRP A 307 17.55 6.53 -6.15
N ILE A 308 18.47 6.36 -7.10
CA ILE A 308 18.71 7.39 -8.09
C ILE A 308 17.55 7.50 -9.07
N VAL A 309 17.12 6.35 -9.59
CA VAL A 309 15.92 6.30 -10.43
C VAL A 309 14.72 6.87 -9.68
N SER A 310 14.62 6.53 -8.40
CA SER A 310 13.52 7.02 -7.58
C SER A 310 13.50 8.53 -7.51
N GLY A 311 14.67 9.12 -7.30
CA GLY A 311 14.81 10.57 -7.23
C GLY A 311 14.46 11.24 -8.55
N LEU A 312 14.79 10.56 -9.65
CA LEU A 312 14.52 11.07 -10.99
C LEU A 312 13.03 11.12 -11.29
N THR A 313 12.25 10.25 -10.66
CA THR A 313 10.81 10.21 -10.90
C THR A 313 10.04 10.94 -9.81
N SER A 314 10.75 11.51 -8.84
CA SER A 314 10.11 12.19 -7.72
C SER A 314 10.55 13.65 -7.58
N PHE A 315 11.72 13.87 -6.98
CA PHE A 315 12.18 15.23 -6.69
C PHE A 315 12.48 16.05 -7.94
N LEU A 316 13.08 15.42 -8.94
CA LEU A 316 13.41 16.11 -10.18
C LEU A 316 12.20 16.71 -10.92
N PRO A 317 11.22 15.87 -11.29
CA PRO A 317 10.10 16.47 -12.05
C PRO A 317 9.27 17.40 -11.18
N ILE A 318 9.14 17.08 -9.89
CA ILE A 318 8.26 17.84 -9.00
C ILE A 318 8.81 19.20 -8.61
N GLN A 319 10.07 19.24 -8.15
CA GLN A 319 10.69 20.50 -7.76
C GLN A 319 10.85 21.44 -8.96
N MET A 320 11.04 20.87 -10.14
CA MET A 320 11.13 21.64 -11.38
C MET A 320 9.75 21.94 -11.96
N HIS A 321 8.71 21.51 -11.25
CA HIS A 321 7.32 21.76 -11.64
C HIS A 321 6.92 21.14 -12.98
N TRP A 322 7.69 20.15 -13.44
CA TRP A 322 7.39 19.47 -14.70
C TRP A 322 6.14 18.60 -14.58
N TYR A 323 5.90 18.11 -13.37
CA TYR A 323 4.76 17.23 -13.12
C TYR A 323 3.43 17.99 -13.21
N ARG A 324 3.51 19.31 -13.10
CA ARG A 324 2.32 20.14 -12.90
C ARG A 324 1.31 20.05 -14.04
N ALA A 325 0.03 20.15 -13.69
CA ALA A 325 -1.03 20.20 -14.69
C ALA A 325 -1.17 21.63 -15.22
N THR A 326 -2.11 21.84 -16.13
CA THR A 326 -2.26 23.14 -16.75
C THR A 326 -3.66 23.72 -16.60
N HIS A 327 -4.62 22.88 -16.25
CA HIS A 327 -6.01 23.31 -16.10
C HIS A 327 -6.19 24.27 -14.91
N GLN A 328 -7.27 25.04 -14.95
CA GLN A 328 -7.50 26.12 -14.00
C GLN A 328 -7.54 25.67 -12.54
N GLU A 329 -8.14 24.51 -12.29
CA GLU A 329 -8.23 24.02 -10.91
C GLU A 329 -6.84 23.69 -10.35
N ALA A 330 -5.92 23.28 -11.21
CA ALA A 330 -4.55 22.97 -10.79
C ALA A 330 -3.75 24.25 -10.62
N ILE A 331 -3.96 25.21 -11.52
CA ILE A 331 -3.37 26.53 -11.41
C ILE A 331 -3.72 27.22 -10.08
N ASN A 332 -4.98 27.15 -9.69
CA ASN A 332 -5.44 27.77 -8.44
C ASN A 332 -4.84 27.09 -7.22
N CYS A 333 -4.85 25.76 -7.22
CA CYS A 333 -4.30 24.98 -6.11
C CYS A 333 -2.80 25.21 -5.96
N TYR A 334 -2.10 25.38 -7.06
CA TYR A 334 -0.66 25.67 -6.99
C TYR A 334 -0.40 27.04 -6.37
N ALA A 335 -1.35 27.94 -6.52
CA ALA A 335 -1.23 29.30 -6.01
C ALA A 335 -1.65 29.37 -4.55
N GLU A 336 -2.71 28.64 -4.21
CA GLU A 336 -3.23 28.59 -2.86
C GLU A 336 -2.23 27.93 -1.91
N GLU A 337 -1.85 28.63 -0.86
CA GLU A 337 -0.90 28.11 0.12
C GLU A 337 -1.49 26.97 0.96
N THR A 338 -2.81 26.89 1.02
CA THR A 338 -3.49 25.88 1.82
C THR A 338 -4.05 24.73 0.99
N CYS A 339 -3.70 24.67 -0.28
CA CYS A 339 -4.11 23.55 -1.13
C CYS A 339 -2.91 22.66 -1.46
N CYS A 340 -3.09 21.35 -1.35
CA CYS A 340 -2.04 20.41 -1.73
C CYS A 340 -2.62 19.18 -2.42
N ASP A 341 -3.72 19.38 -3.13
CA ASP A 341 -4.31 18.34 -3.94
C ASP A 341 -3.31 17.95 -5.02
N PHE A 342 -3.38 16.71 -5.47
CA PHE A 342 -2.40 16.20 -6.41
C PHE A 342 -2.92 16.25 -7.85
N PHE A 343 -2.25 17.04 -8.68
CA PHE A 343 -2.59 17.16 -10.09
C PHE A 343 -1.34 16.95 -10.94
N THR A 344 -1.43 16.07 -11.93
CA THR A 344 -0.34 15.90 -12.88
C THR A 344 -0.85 15.84 -14.32
N ASN A 345 0.08 15.91 -15.26
CA ASN A 345 -0.26 15.76 -16.67
C ASN A 345 -0.22 14.30 -17.06
N GLN A 346 -0.79 13.97 -18.23
CA GLN A 346 -0.77 12.59 -18.73
C GLN A 346 0.66 12.05 -18.79
N ALA A 347 1.57 12.87 -19.30
CA ALA A 347 2.97 12.48 -19.43
C ALA A 347 3.56 11.94 -18.13
N TYR A 348 3.48 12.74 -17.06
CA TYR A 348 4.10 12.37 -15.79
C TYR A 348 3.40 11.21 -15.11
N ALA A 349 2.07 11.23 -15.11
CA ALA A 349 1.29 10.22 -14.42
C ALA A 349 1.48 8.84 -15.05
N ILE A 350 1.79 8.82 -16.34
CA ILE A 350 2.02 7.56 -17.05
C ILE A 350 3.47 7.10 -16.87
N ALA A 351 4.41 8.02 -17.00
CA ALA A 351 5.82 7.72 -16.88
C ALA A 351 6.19 7.28 -15.46
N SER A 352 5.62 7.96 -14.47
CA SER A 352 5.91 7.61 -13.08
C SER A 352 5.28 6.27 -12.70
N SER A 353 4.10 5.99 -13.24
CA SER A 353 3.41 4.74 -12.91
C SER A 353 4.15 3.53 -13.48
N ILE A 354 4.70 3.68 -14.67
CA ILE A 354 5.45 2.60 -15.31
C ILE A 354 6.72 2.29 -14.51
N VAL A 355 7.41 3.34 -14.07
CA VAL A 355 8.63 3.19 -13.29
C VAL A 355 8.35 2.73 -11.85
N SER A 356 7.42 3.40 -11.19
CA SER A 356 7.13 3.09 -9.79
C SER A 356 6.48 1.73 -9.57
N PHE A 357 5.63 1.32 -10.51
CA PHE A 357 4.81 0.13 -10.30
C PHE A 357 4.87 -0.91 -11.42
N TYR A 358 4.54 -0.48 -12.65
CA TYR A 358 4.30 -1.41 -13.74
C TYR A 358 5.51 -2.25 -14.20
N VAL A 359 6.65 -1.60 -14.40
CA VAL A 359 7.87 -2.36 -14.70
C VAL A 359 8.32 -3.28 -13.55
N PRO A 360 8.31 -2.80 -12.29
CA PRO A 360 8.55 -3.74 -11.20
C PRO A 360 7.56 -4.89 -11.18
N LEU A 361 6.27 -4.58 -11.35
CA LEU A 361 5.24 -5.62 -11.39
C LEU A 361 5.55 -6.72 -12.40
N VAL A 362 5.85 -6.33 -13.64
CA VAL A 362 6.10 -7.29 -14.72
C VAL A 362 7.28 -8.22 -14.41
N ILE A 363 8.40 -7.63 -14.01
CA ILE A 363 9.59 -8.39 -13.62
C ILE A 363 9.28 -9.40 -12.50
N MET A 364 8.57 -8.95 -11.48
CA MET A 364 8.24 -9.81 -10.34
C MET A 364 7.32 -10.97 -10.72
N VAL A 365 6.33 -10.70 -11.58
CA VAL A 365 5.45 -11.74 -12.05
C VAL A 365 6.22 -12.74 -12.91
N PHE A 366 7.13 -12.23 -13.72
CA PHE A 366 7.94 -13.08 -14.59
C PHE A 366 8.89 -13.94 -13.78
N VAL A 367 9.65 -13.30 -12.90
CA VAL A 367 10.69 -13.99 -12.13
C VAL A 367 10.13 -15.06 -11.19
N TYR A 368 9.07 -14.71 -10.47
CA TYR A 368 8.44 -15.64 -9.53
C TYR A 368 7.76 -16.80 -10.25
N SER A 369 7.46 -16.61 -11.53
CA SER A 369 6.93 -17.68 -12.36
C SER A 369 8.04 -18.64 -12.74
N ARG A 370 9.17 -18.08 -13.18
CA ARG A 370 10.36 -18.86 -13.54
C ARG A 370 10.85 -19.73 -12.39
N VAL A 371 10.62 -19.29 -11.17
CA VAL A 371 10.95 -20.06 -9.98
C VAL A 371 10.01 -21.27 -9.85
N PHE A 372 8.71 -21.01 -9.89
CA PHE A 372 7.71 -22.07 -9.77
C PHE A 372 7.81 -23.06 -10.92
N GLN A 373 8.13 -22.55 -12.12
CA GLN A 373 8.21 -23.37 -13.31
C GLN A 373 9.49 -24.21 -13.38
N GLU A 374 10.55 -23.71 -12.75
CA GLU A 374 11.84 -24.41 -12.75
C GLU A 374 11.92 -25.41 -11.60
N ALA A 375 11.09 -25.23 -10.59
CA ALA A 375 11.01 -26.21 -9.49
C ALA A 375 10.36 -27.51 -9.96
N LYS A 376 9.62 -27.45 -11.06
CA LYS A 376 8.99 -28.64 -11.63
C LYS A 376 10.00 -29.49 -12.38
N ARG A 377 10.97 -28.83 -13.00
CA ARG A 377 11.89 -29.51 -13.92
C ARG A 377 13.27 -29.80 -13.30
N GLN A 378 13.33 -29.97 -11.99
CA GLN A 378 14.59 -30.28 -11.32
C GLN A 378 14.89 -31.78 -11.39
N LEU A 379 15.95 -32.22 -10.71
CA LEU A 379 16.24 -33.65 -10.59
C LEU A 379 15.34 -34.29 -9.53
N GLN A 380 14.10 -34.59 -9.93
CA GLN A 380 13.10 -35.13 -9.02
C GLN A 380 11.94 -35.75 -9.77
N LYS A 384 6.22 -36.34 -6.33
CA LYS A 384 5.27 -37.17 -5.60
C LYS A 384 4.03 -36.38 -5.22
N PHE A 385 4.00 -35.11 -5.61
CA PHE A 385 2.92 -34.20 -5.27
C PHE A 385 2.68 -34.18 -3.76
N ALA A 386 3.67 -33.73 -3.01
CA ALA A 386 3.65 -33.82 -1.56
C ALA A 386 3.39 -32.49 -0.85
N LEU A 387 3.96 -32.37 0.34
CA LEU A 387 3.61 -31.30 1.28
C LEU A 387 4.41 -30.02 1.09
N LYS A 388 5.70 -30.16 0.81
CA LYS A 388 6.62 -29.03 0.85
C LYS A 388 6.38 -28.00 -0.26
N GLU A 389 5.82 -28.44 -1.37
CA GLU A 389 5.59 -27.56 -2.52
C GLU A 389 4.36 -26.67 -2.32
N HIS A 390 3.32 -27.22 -1.72
CA HIS A 390 2.09 -26.48 -1.45
C HIS A 390 2.37 -25.30 -0.51
N LYS A 391 3.13 -25.57 0.55
CA LYS A 391 3.47 -24.54 1.52
C LYS A 391 4.36 -23.46 0.90
N ALA A 392 5.10 -23.83 -0.14
CA ALA A 392 6.00 -22.91 -0.82
C ALA A 392 5.23 -22.04 -1.79
N LEU A 393 4.27 -22.65 -2.47
CA LEU A 393 3.39 -21.93 -3.40
C LEU A 393 2.54 -20.93 -2.64
N LYS A 394 2.16 -21.30 -1.42
CA LYS A 394 1.39 -20.41 -0.55
C LYS A 394 2.22 -19.19 -0.15
N THR A 395 3.54 -19.35 -0.07
CA THR A 395 4.41 -18.26 0.36
C THR A 395 4.45 -17.13 -0.66
N LEU A 396 4.69 -17.46 -1.92
CA LEU A 396 4.72 -16.45 -2.97
C LEU A 396 3.32 -15.92 -3.26
N GLY A 397 2.30 -16.71 -2.92
CA GLY A 397 0.92 -16.25 -2.98
C GLY A 397 0.69 -15.12 -2.01
N ILE A 398 1.40 -15.16 -0.89
CA ILE A 398 1.36 -14.08 0.09
C ILE A 398 2.28 -12.94 -0.34
N ILE A 399 3.45 -13.31 -0.85
CA ILE A 399 4.46 -12.33 -1.25
C ILE A 399 3.92 -11.47 -2.38
N MET A 400 3.49 -12.13 -3.45
CA MET A 400 3.00 -11.44 -4.63
C MET A 400 1.57 -10.97 -4.45
N GLY A 401 0.79 -11.68 -3.64
CA GLY A 401 -0.59 -11.31 -3.39
C GLY A 401 -0.74 -10.02 -2.60
N THR A 402 0.05 -9.89 -1.53
CA THR A 402 -0.02 -8.69 -0.70
C THR A 402 0.44 -7.45 -1.47
N PHE A 403 1.44 -7.62 -2.31
CA PHE A 403 1.93 -6.52 -3.13
C PHE A 403 0.87 -6.08 -4.13
N THR A 404 0.25 -7.05 -4.79
CA THR A 404 -0.76 -6.78 -5.81
C THR A 404 -2.01 -6.14 -5.22
N LEU A 405 -2.53 -6.76 -4.17
CA LEU A 405 -3.76 -6.30 -3.53
C LEU A 405 -3.66 -4.87 -3.00
N CYS A 406 -2.45 -4.44 -2.64
CA CYS A 406 -2.23 -3.14 -2.02
C CYS A 406 -1.90 -2.02 -3.01
N TRP A 407 -1.16 -2.34 -4.07
CA TRP A 407 -0.72 -1.30 -5.00
C TRP A 407 -1.38 -1.31 -6.37
N LEU A 408 -1.82 -2.46 -6.83
CA LEU A 408 -2.48 -2.54 -8.14
C LEU A 408 -3.75 -1.69 -8.29
N PRO A 409 -4.66 -1.70 -7.28
CA PRO A 409 -5.89 -0.92 -7.46
C PRO A 409 -5.64 0.59 -7.59
N PHE A 410 -4.59 1.09 -6.97
CA PHE A 410 -4.28 2.52 -7.08
C PHE A 410 -3.72 2.88 -8.45
N PHE A 411 -2.73 2.13 -8.90
CA PHE A 411 -2.04 2.46 -10.14
C PHE A 411 -2.90 2.20 -11.37
N ILE A 412 -3.85 1.28 -11.25
CA ILE A 412 -4.85 1.13 -12.30
C ILE A 412 -5.73 2.38 -12.36
N VAL A 413 -6.30 2.73 -11.21
CA VAL A 413 -7.17 3.91 -11.09
C VAL A 413 -6.45 5.19 -11.48
N ASN A 414 -5.17 5.29 -11.10
CA ASN A 414 -4.34 6.42 -11.47
C ASN A 414 -4.28 6.59 -12.98
N ILE A 415 -4.22 5.47 -13.69
CA ILE A 415 -4.20 5.47 -15.15
C ILE A 415 -5.58 5.81 -15.73
N VAL A 416 -6.62 5.18 -15.19
CA VAL A 416 -7.98 5.43 -15.64
C VAL A 416 -8.38 6.90 -15.48
N HIS A 417 -7.88 7.55 -14.43
CA HIS A 417 -8.17 8.96 -14.22
C HIS A 417 -7.48 9.83 -15.26
N VAL A 418 -6.40 9.30 -15.82
CA VAL A 418 -5.65 9.99 -16.87
C VAL A 418 -6.36 9.89 -18.22
N ILE A 419 -6.79 8.68 -18.55
CA ILE A 419 -7.50 8.42 -19.80
C ILE A 419 -8.83 9.16 -19.85
N GLN A 420 -9.73 8.80 -18.95
CA GLN A 420 -11.03 9.48 -18.87
C GLN A 420 -11.19 10.26 -17.56
N ASP A 421 -11.32 11.58 -17.70
CA ASP A 421 -11.46 12.46 -16.54
C ASP A 421 -12.79 12.20 -15.82
N ASN A 422 -12.86 12.61 -14.56
CA ASN A 422 -14.03 12.46 -13.69
C ASN A 422 -14.53 11.03 -13.40
N LEU A 423 -13.84 10.04 -13.94
CA LEU A 423 -14.28 8.65 -13.78
C LEU A 423 -14.08 8.15 -12.35
N ILE A 424 -13.05 8.67 -11.68
CA ILE A 424 -12.75 8.26 -10.31
C ILE A 424 -12.96 9.40 -9.32
N ARG A 425 -13.89 9.19 -8.39
CA ARG A 425 -14.13 10.17 -7.33
C ARG A 425 -12.89 10.31 -6.47
N LYS A 426 -12.63 11.52 -5.97
CA LYS A 426 -11.40 11.79 -5.23
C LYS A 426 -11.22 10.90 -4.01
N GLU A 427 -12.32 10.62 -3.31
CA GLU A 427 -12.29 9.80 -2.11
C GLU A 427 -11.66 8.43 -2.37
N VAL A 428 -12.01 7.83 -3.51
CA VAL A 428 -11.52 6.52 -3.88
C VAL A 428 -10.02 6.54 -4.16
N TYR A 429 -9.59 7.53 -4.93
CA TYR A 429 -8.20 7.69 -5.30
C TYR A 429 -7.31 7.81 -4.07
N ILE A 430 -7.85 8.39 -3.01
CA ILE A 430 -7.10 8.58 -1.76
C ILE A 430 -7.09 7.31 -0.91
N LEU A 431 -8.22 6.62 -0.87
CA LEU A 431 -8.35 5.37 -0.12
C LEU A 431 -7.45 4.29 -0.69
N LEU A 432 -7.48 4.15 -2.02
CA LEU A 432 -6.64 3.19 -2.70
C LEU A 432 -5.16 3.54 -2.57
N ASN A 433 -4.87 4.83 -2.48
CA ASN A 433 -3.49 5.26 -2.23
C ASN A 433 -3.06 4.86 -0.83
N TRP A 434 -4.00 4.88 0.11
CA TRP A 434 -3.72 4.53 1.51
C TRP A 434 -3.64 3.02 1.71
N ILE A 435 -4.35 2.27 0.88
CA ILE A 435 -4.21 0.82 0.86
C ILE A 435 -2.82 0.45 0.36
N GLY A 436 -2.22 1.33 -0.43
CA GLY A 436 -0.86 1.13 -0.89
C GLY A 436 0.14 1.49 0.20
N TYR A 437 -0.20 2.46 1.03
CA TYR A 437 0.66 2.87 2.12
C TYR A 437 0.85 1.76 3.15
N VAL A 438 -0.21 0.98 3.40
CA VAL A 438 -0.16 -0.04 4.45
C VAL A 438 0.69 -1.24 4.02
N ASN A 439 1.13 -1.25 2.78
CA ASN A 439 2.01 -2.31 2.33
C ASN A 439 3.37 -2.16 3.00
N SER A 440 3.69 -0.94 3.44
CA SER A 440 4.94 -0.67 4.14
C SER A 440 4.93 -1.31 5.53
N GLY A 441 3.74 -1.60 6.04
CA GLY A 441 3.61 -2.23 7.34
C GLY A 441 3.66 -3.73 7.20
N PHE A 442 3.15 -4.22 6.06
CA PHE A 442 3.09 -5.65 5.79
C PHE A 442 4.46 -6.25 5.46
N ASN A 443 5.28 -5.51 4.73
CA ASN A 443 6.59 -5.98 4.30
C ASN A 443 7.49 -6.60 5.39
N PRO A 444 7.59 -5.97 6.57
CA PRO A 444 8.39 -6.62 7.62
C PRO A 444 7.80 -7.95 8.10
N LEU A 445 6.53 -8.20 7.83
CA LEU A 445 5.91 -9.47 8.16
C LEU A 445 6.08 -10.49 7.02
N ILE A 446 6.59 -10.02 5.88
CA ILE A 446 6.74 -10.89 4.72
C ILE A 446 8.19 -11.24 4.43
N TYR A 447 9.08 -10.25 4.56
CA TYR A 447 10.47 -10.43 4.17
C TYR A 447 11.43 -10.68 5.32
N CYS A 448 10.89 -10.96 6.51
CA CYS A 448 11.73 -11.16 7.68
C CYS A 448 11.26 -12.33 8.55
N ARG A 449 10.88 -13.42 7.93
CA ARG A 449 10.44 -14.59 8.67
C ARG A 449 11.55 -15.62 8.87
N SER A 450 12.76 -15.28 8.44
CA SER A 450 13.90 -16.20 8.57
C SER A 450 14.17 -16.49 10.05
N PRO A 451 14.70 -17.69 10.34
CA PRO A 451 15.06 -18.04 11.72
C PRO A 451 16.03 -17.06 12.35
N ASP A 452 16.86 -16.41 11.53
CA ASP A 452 17.79 -15.41 12.05
C ASP A 452 17.10 -14.10 12.42
N PHE A 453 16.15 -13.68 11.60
CA PHE A 453 15.34 -12.52 11.91
C PHE A 453 14.53 -12.80 13.17
N ARG A 454 13.91 -13.96 13.21
CA ARG A 454 13.07 -14.38 14.34
C ARG A 454 13.81 -14.34 15.68
N ILE A 455 15.06 -14.78 15.69
CA ILE A 455 15.88 -14.76 16.89
C ILE A 455 16.30 -13.33 17.23
N ALA A 456 16.68 -12.57 16.22
CA ALA A 456 17.10 -11.18 16.40
C ALA A 456 15.96 -10.34 16.97
N PHE A 457 14.75 -10.57 16.50
CA PHE A 457 13.59 -9.78 16.91
C PHE A 457 13.29 -9.97 18.39
N GLN A 458 13.50 -11.17 18.91
CA GLN A 458 13.24 -11.43 20.31
C GLN A 458 14.29 -10.80 21.22
N GLU A 459 15.56 -10.93 20.85
CA GLU A 459 16.64 -10.41 21.67
C GLU A 459 16.63 -8.87 21.71
N LEU A 460 16.16 -8.27 20.62
CA LEU A 460 16.10 -6.81 20.52
C LEU A 460 15.14 -6.20 21.55
N LEU A 461 14.03 -6.88 21.78
CA LEU A 461 13.03 -6.38 22.74
C LEU A 461 12.93 -7.24 24.00
N CYS A 462 13.89 -8.15 24.17
CA CYS A 462 14.01 -9.00 25.36
C CYS A 462 12.73 -9.70 25.78
N LEU A 463 12.13 -10.42 24.83
CA LEU A 463 10.88 -11.14 25.09
C LEU A 463 11.13 -12.40 25.93
N GLN B 1 10.91 -31.28 10.15
CA GLN B 1 10.79 -32.61 10.77
C GLN B 1 11.27 -33.71 9.83
N VAL B 2 12.38 -33.47 9.14
CA VAL B 2 13.01 -34.47 8.29
C VAL B 2 14.33 -34.94 8.90
N GLN B 3 14.86 -36.05 8.39
CA GLN B 3 16.06 -36.65 8.95
C GLN B 3 17.19 -36.76 7.93
N LEU B 4 18.43 -36.71 8.41
CA LEU B 4 19.59 -36.91 7.55
C LEU B 4 20.49 -38.04 8.05
N GLN B 5 20.45 -39.17 7.34
CA GLN B 5 21.29 -40.31 7.67
C GLN B 5 22.66 -40.19 7.01
N GLU B 6 23.72 -40.17 7.82
CA GLU B 6 25.08 -40.13 7.31
C GLU B 6 25.73 -41.50 7.46
N SER B 7 26.64 -41.82 6.54
CA SER B 7 27.35 -43.09 6.59
C SER B 7 28.60 -43.07 5.71
N GLY B 8 29.60 -43.86 6.08
CA GLY B 8 30.77 -44.02 5.26
C GLY B 8 32.09 -43.72 5.93
N GLY B 9 32.07 -42.89 6.98
CA GLY B 9 33.30 -42.46 7.62
C GLY B 9 34.09 -43.56 8.32
N GLY B 10 35.13 -43.15 9.03
CA GLY B 10 35.92 -44.08 9.81
C GLY B 10 37.39 -43.76 9.71
N LEU B 11 38.22 -44.73 10.06
CA LEU B 11 39.67 -44.56 9.96
C LEU B 11 40.13 -44.85 8.53
N VAL B 12 41.20 -44.18 8.11
CA VAL B 12 41.74 -44.34 6.76
C VAL B 12 43.20 -43.93 6.71
N GLN B 13 44.00 -44.65 5.92
CA GLN B 13 45.43 -44.36 5.80
C GLN B 13 45.66 -43.14 4.91
N ALA B 14 46.80 -42.48 5.08
CA ALA B 14 47.12 -41.29 4.29
C ALA B 14 47.22 -41.63 2.81
N GLY B 15 46.41 -40.97 2.00
CA GLY B 15 46.37 -41.24 0.58
C GLY B 15 45.30 -42.25 0.22
N GLY B 16 44.55 -42.68 1.24
CA GLY B 16 43.48 -43.65 1.03
C GLY B 16 42.23 -42.99 0.51
N SER B 17 41.27 -43.79 0.05
CA SER B 17 40.03 -43.26 -0.48
C SER B 17 38.83 -43.59 0.42
N LEU B 18 37.86 -42.70 0.46
CA LEU B 18 36.71 -42.83 1.33
C LEU B 18 35.47 -42.28 0.64
N ARG B 19 34.31 -42.85 0.95
CA ARG B 19 33.06 -42.41 0.33
C ARG B 19 31.98 -42.12 1.37
N LEU B 20 31.75 -40.85 1.65
CA LEU B 20 30.66 -40.45 2.53
C LEU B 20 29.34 -40.57 1.79
N SER B 21 28.26 -40.74 2.54
CA SER B 21 26.94 -40.91 1.96
C SER B 21 25.87 -40.36 2.89
N CYS B 22 24.98 -39.53 2.35
CA CYS B 22 23.88 -38.98 3.14
C CYS B 22 22.56 -39.09 2.41
N ALA B 23 21.56 -39.65 3.09
CA ALA B 23 20.23 -39.79 2.51
C ALA B 23 19.23 -38.92 3.26
N ALA B 24 18.41 -38.17 2.52
CA ALA B 24 17.46 -37.24 3.14
C ALA B 24 16.07 -37.87 3.29
N SER B 25 15.71 -38.21 4.52
CA SER B 25 14.42 -38.81 4.79
C SER B 25 13.39 -37.73 5.11
N GLY B 26 12.42 -37.56 4.21
CA GLY B 26 11.37 -36.57 4.42
C GLY B 26 11.07 -35.78 3.17
N SER B 27 10.20 -34.78 3.31
CA SER B 27 9.82 -33.96 2.17
C SER B 27 10.58 -32.65 2.12
N ILE B 28 11.52 -32.56 1.18
CA ILE B 28 12.33 -31.36 0.98
C ILE B 28 11.93 -30.66 -0.31
N PHE B 29 11.93 -29.33 -0.30
CA PHE B 29 11.53 -28.52 -1.45
C PHE B 29 12.36 -28.89 -2.68
N ALA B 30 11.75 -28.75 -3.85
CA ALA B 30 12.38 -29.19 -5.10
C ALA B 30 13.64 -28.40 -5.44
N LEU B 31 13.82 -27.26 -4.79
CA LEU B 31 15.02 -26.44 -4.98
C LEU B 31 15.81 -26.39 -3.68
N ASN B 32 17.05 -26.88 -3.71
CA ASN B 32 17.85 -27.00 -2.50
C ASN B 32 19.33 -27.22 -2.76
N ILE B 33 20.15 -27.07 -1.71
CA ILE B 33 21.58 -27.33 -1.81
C ILE B 33 21.99 -28.39 -0.80
N MET B 34 22.38 -29.55 -1.31
CA MET B 34 22.78 -30.64 -0.45
C MET B 34 24.29 -30.81 -0.49
N GLY B 35 24.95 -30.78 0.67
CA GLY B 35 26.39 -30.82 0.71
C GLY B 35 27.00 -31.28 2.02
N TRP B 36 28.31 -31.06 2.16
CA TRP B 36 29.05 -31.48 3.34
C TRP B 36 29.90 -30.36 3.93
N TYR B 37 29.87 -30.24 5.26
CA TYR B 37 30.72 -29.30 5.97
C TYR B 37 31.67 -30.07 6.90
N ARG B 38 32.77 -29.45 7.30
CA ARG B 38 33.72 -30.11 8.20
C ARG B 38 34.35 -29.20 9.25
N GLN B 39 34.63 -29.78 10.42
CA GLN B 39 35.31 -29.07 11.50
C GLN B 39 36.63 -29.74 11.84
N ALA B 40 37.73 -29.13 11.43
CA ALA B 40 39.06 -29.63 11.77
C ALA B 40 39.31 -29.40 13.26
N PRO B 41 40.20 -30.21 13.86
CA PRO B 41 40.53 -30.06 15.29
C PRO B 41 41.00 -28.65 15.64
N GLY B 42 40.15 -27.89 16.33
CA GLY B 42 40.48 -26.55 16.76
C GLY B 42 40.32 -25.49 15.67
N LYS B 43 39.51 -25.80 14.66
CA LYS B 43 39.27 -24.87 13.56
C LYS B 43 37.77 -24.77 13.26
N GLN B 44 37.37 -23.69 12.58
CA GLN B 44 35.96 -23.40 12.34
C GLN B 44 35.31 -24.31 11.30
N ARG B 45 33.98 -24.32 11.30
CA ARG B 45 33.21 -25.14 10.38
C ARG B 45 33.31 -24.60 8.95
N GLU B 46 33.76 -25.47 8.04
CA GLU B 46 34.11 -25.08 6.69
C GLU B 46 33.31 -25.89 5.67
N LEU B 47 32.88 -25.23 4.60
CA LEU B 47 32.21 -25.93 3.50
C LEU B 47 33.20 -26.81 2.75
N VAL B 48 32.83 -28.07 2.55
CA VAL B 48 33.68 -29.01 1.81
C VAL B 48 33.21 -29.10 0.36
N ALA B 49 32.05 -29.73 0.16
CA ALA B 49 31.48 -29.88 -1.17
C ALA B 49 29.97 -29.77 -1.10
N ALA B 50 29.39 -29.05 -2.05
CA ALA B 50 27.95 -28.84 -2.10
C ALA B 50 27.41 -29.13 -3.49
N ILE B 51 26.14 -29.53 -3.57
CA ILE B 51 25.51 -29.78 -4.87
C ILE B 51 24.06 -29.28 -4.95
N HIS B 52 23.83 -28.37 -5.90
CA HIS B 52 22.51 -27.79 -6.10
C HIS B 52 21.55 -28.82 -6.69
N SER B 53 20.26 -28.63 -6.49
CA SER B 53 19.26 -29.58 -6.97
C SER B 53 19.24 -29.62 -8.49
N GLY B 54 19.84 -28.60 -9.10
CA GLY B 54 19.89 -28.48 -10.54
C GLY B 54 21.17 -29.06 -11.13
N GLY B 55 21.94 -29.75 -10.30
CA GLY B 55 23.09 -30.50 -10.78
C GLY B 55 24.46 -29.90 -10.52
N THR B 56 24.56 -28.57 -10.62
CA THR B 56 25.85 -27.90 -10.49
C THR B 56 26.47 -28.11 -9.10
N THR B 57 27.78 -27.98 -9.01
CA THR B 57 28.48 -28.23 -7.75
C THR B 57 29.40 -27.09 -7.31
N ASN B 58 29.95 -27.21 -6.11
CA ASN B 58 30.90 -26.24 -5.58
C ASN B 58 31.77 -26.89 -4.51
N TYR B 59 33.06 -26.54 -4.49
CA TYR B 59 34.01 -27.15 -3.57
C TYR B 59 34.89 -26.11 -2.90
N ALA B 60 35.48 -26.49 -1.77
CA ALA B 60 36.47 -25.64 -1.12
C ALA B 60 37.75 -25.64 -1.96
N ASN B 61 38.58 -24.61 -1.78
CA ASN B 61 39.81 -24.51 -2.55
C ASN B 61 40.91 -25.46 -2.07
N SER B 62 40.60 -26.26 -1.06
CA SER B 62 41.56 -27.20 -0.51
C SER B 62 41.19 -28.64 -0.86
N VAL B 63 40.05 -28.83 -1.51
CA VAL B 63 39.60 -30.17 -1.86
C VAL B 63 39.31 -30.32 -3.36
N LYS B 64 39.44 -29.22 -4.10
CA LYS B 64 39.26 -29.25 -5.56
C LYS B 64 40.27 -30.17 -6.24
N GLY B 65 39.77 -31.12 -7.01
CA GLY B 65 40.63 -32.03 -7.75
C GLY B 65 40.81 -33.35 -7.01
N ARG B 66 40.56 -33.31 -5.70
CA ARG B 66 40.67 -34.50 -4.86
C ARG B 66 39.28 -35.01 -4.50
N PHE B 67 38.43 -34.10 -4.02
CA PHE B 67 37.08 -34.48 -3.62
C PHE B 67 36.08 -34.23 -4.75
N THR B 68 35.07 -35.09 -4.83
CA THR B 68 34.05 -34.96 -5.85
C THR B 68 32.70 -35.34 -5.28
N ILE B 69 31.70 -34.49 -5.51
CA ILE B 69 30.36 -34.71 -4.99
C ILE B 69 29.38 -35.05 -6.10
N SER B 70 28.48 -35.99 -5.82
CA SER B 70 27.44 -36.37 -6.75
C SER B 70 26.18 -36.71 -5.98
N ARG B 71 25.07 -36.89 -6.69
CA ARG B 71 23.80 -37.20 -6.03
C ARG B 71 23.03 -38.28 -6.78
N ASP B 72 21.97 -38.77 -6.14
CA ASP B 72 21.15 -39.85 -6.71
C ASP B 72 19.99 -39.29 -7.54
N ASN B 73 19.22 -40.19 -8.12
CA ASN B 73 18.14 -39.85 -9.02
C ASN B 73 17.06 -38.99 -8.35
N ALA B 74 16.27 -39.63 -7.50
CA ALA B 74 15.16 -38.94 -6.83
C ALA B 74 15.16 -39.27 -5.34
N ALA B 75 16.01 -40.21 -4.95
CA ALA B 75 16.10 -40.62 -3.55
C ALA B 75 16.70 -39.50 -2.67
N ASN B 76 17.14 -38.42 -3.31
CA ASN B 76 17.75 -37.28 -2.64
C ASN B 76 19.00 -37.64 -1.84
N THR B 77 19.72 -38.67 -2.28
CA THR B 77 20.91 -39.10 -1.58
C THR B 77 22.15 -38.46 -2.18
N VAL B 78 23.10 -38.08 -1.34
CA VAL B 78 24.34 -37.48 -1.84
C VAL B 78 25.57 -38.29 -1.45
N TYR B 79 26.40 -38.57 -2.45
CA TYR B 79 27.63 -39.33 -2.23
C TYR B 79 28.85 -38.42 -2.39
N LEU B 80 29.71 -38.42 -1.39
CA LEU B 80 30.95 -37.65 -1.46
C LEU B 80 32.15 -38.59 -1.64
N GLN B 81 32.80 -38.49 -2.79
CA GLN B 81 34.00 -39.28 -3.07
C GLN B 81 35.23 -38.51 -2.60
N MET B 82 35.98 -39.09 -1.67
CA MET B 82 37.18 -38.45 -1.16
C MET B 82 38.45 -39.26 -1.46
N ASN B 83 39.18 -38.87 -2.50
CA ASN B 83 40.41 -39.55 -2.87
C ASN B 83 41.63 -38.79 -2.40
N SER B 84 42.79 -39.46 -2.38
CA SER B 84 44.06 -38.85 -1.99
C SER B 84 43.97 -38.11 -0.67
N LEU B 85 43.47 -38.78 0.36
CA LEU B 85 43.23 -38.15 1.66
C LEU B 85 44.51 -37.71 2.36
N LYS B 86 44.47 -36.52 2.97
CA LYS B 86 45.61 -35.95 3.64
C LYS B 86 45.32 -35.82 5.13
N PRO B 87 46.35 -35.58 5.95
CA PRO B 87 46.12 -35.41 7.39
C PRO B 87 45.31 -34.14 7.73
N GLU B 88 45.33 -33.14 6.87
CA GLU B 88 44.55 -31.91 7.11
C GLU B 88 43.08 -32.06 6.74
N ASP B 89 42.72 -33.23 6.23
CA ASP B 89 41.32 -33.53 5.92
C ASP B 89 40.66 -34.28 7.07
N THR B 90 41.41 -34.47 8.16
CA THR B 90 40.88 -35.12 9.35
C THR B 90 39.97 -34.17 10.10
N ALA B 91 38.68 -34.50 10.17
CA ALA B 91 37.69 -33.62 10.76
C ALA B 91 36.35 -34.31 11.02
N VAL B 92 35.34 -33.52 11.34
CA VAL B 92 33.99 -34.04 11.53
C VAL B 92 33.12 -33.59 10.37
N TYR B 93 32.56 -34.54 9.63
CA TYR B 93 31.82 -34.21 8.42
C TYR B 93 30.31 -34.23 8.63
N TYR B 94 29.67 -33.08 8.46
CA TYR B 94 28.23 -32.94 8.61
C TYR B 94 27.51 -32.86 7.27
N CYS B 95 26.41 -33.61 7.13
CA CYS B 95 25.59 -33.55 5.94
C CYS B 95 24.56 -32.43 6.06
N ASN B 96 24.48 -31.59 5.03
CA ASN B 96 23.66 -30.39 5.11
C ASN B 96 22.69 -30.23 3.96
N VAL B 97 21.51 -29.69 4.24
CA VAL B 97 20.53 -29.37 3.22
C VAL B 97 20.01 -27.94 3.38
N LYS B 98 20.15 -27.14 2.33
CA LYS B 98 19.55 -25.80 2.30
C LYS B 98 18.23 -25.80 1.57
N ASP B 99 17.13 -25.83 2.31
CA ASP B 99 15.79 -25.86 1.72
C ASP B 99 15.25 -24.44 1.48
N PHE B 100 14.84 -24.15 0.24
CA PHE B 100 14.28 -22.85 -0.10
C PHE B 100 12.74 -22.85 -0.11
N GLY B 101 12.13 -23.24 0.99
CA GLY B 101 10.68 -23.30 1.04
C GLY B 101 10.04 -21.92 1.09
N ALA B 102 10.80 -20.98 1.64
CA ALA B 102 10.30 -19.64 1.92
C ALA B 102 10.64 -18.63 0.85
N ILE B 103 11.57 -19.00 -0.04
CA ILE B 103 12.06 -18.12 -1.10
C ILE B 103 12.96 -17.02 -0.59
N ILE B 104 12.50 -16.29 0.42
CA ILE B 104 13.23 -15.13 0.91
C ILE B 104 14.48 -15.55 1.67
N TYR B 105 14.36 -16.66 2.40
CA TYR B 105 15.48 -17.19 3.15
C TYR B 105 15.65 -18.68 2.90
N ASP B 106 16.53 -19.31 3.68
CA ASP B 106 16.82 -20.74 3.51
C ASP B 106 16.83 -21.48 4.85
N TYR B 107 16.24 -22.67 4.85
CA TYR B 107 16.10 -23.49 6.05
C TYR B 107 17.17 -24.59 6.06
N ASP B 108 18.04 -24.59 7.07
CA ASP B 108 19.11 -25.57 7.15
C ASP B 108 18.73 -26.83 7.92
N TYR B 109 18.99 -27.98 7.33
CA TYR B 109 18.89 -29.26 8.03
C TYR B 109 20.29 -29.83 8.13
N TRP B 110 20.67 -30.28 9.32
CA TRP B 110 22.02 -30.81 9.53
C TRP B 110 21.99 -32.31 9.79
N GLY B 111 23.16 -32.93 9.63
CA GLY B 111 23.32 -34.35 9.91
C GLY B 111 23.91 -34.51 11.30
N GLN B 112 23.93 -35.74 11.80
CA GLN B 112 24.42 -35.99 13.16
C GLN B 112 25.92 -35.79 13.27
N GLY B 113 26.63 -36.08 12.17
CA GLY B 113 28.08 -35.98 12.16
C GLY B 113 28.74 -37.35 12.03
N THR B 114 29.81 -37.41 11.25
CA THR B 114 30.62 -38.63 11.14
C THR B 114 32.10 -38.28 11.14
N GLN B 115 32.86 -38.97 11.99
CA GLN B 115 34.29 -38.70 12.13
C GLN B 115 35.09 -39.33 11.01
N VAL B 116 36.08 -38.59 10.51
CA VAL B 116 37.01 -39.10 9.52
C VAL B 116 38.42 -38.84 10.03
N THR B 117 39.19 -39.90 10.25
CA THR B 117 40.54 -39.79 10.78
C THR B 117 41.57 -40.31 9.79
N VAL B 118 42.51 -39.45 9.40
CA VAL B 118 43.55 -39.84 8.44
C VAL B 118 44.90 -40.07 9.13
N SER B 119 45.38 -41.30 9.06
CA SER B 119 46.65 -41.70 9.69
C SER B 119 47.84 -40.95 9.11
N SER B 120 48.27 -39.89 9.80
CA SER B 120 49.42 -39.11 9.37
C SER B 120 50.70 -39.94 9.42
#